data_6Q1U
#
_entry.id   6Q1U
#
_cell.length_a   79.228
_cell.length_b   80.293
_cell.length_c   83.198
_cell.angle_alpha   90.000
_cell.angle_beta   90.000
_cell.angle_gamma   90.000
#
_symmetry.space_group_name_H-M   'P 21 21 21'
#
loop_
_entity.id
_entity.type
_entity.pdbx_description
1 polymer Plasminogen
2 polymer GLY-ARG-ALA-TYR-LYS-SER-LYS-PRO-PRO-ILE-ALA-PHE-PRO-ASP
3 non-polymer 1-methyl-1H-1,2,3-triazole
4 water water
#
loop_
_entity_poly.entity_id
_entity_poly.type
_entity_poly.pdbx_seq_one_letter_code
_entity_poly.pdbx_strand_id
1 'polypeptide(L)'
;APSFDCGKPQVEPKKCPGRVVGGCVAHPHSWPWQVSLRTRFGMHFCGGTLISPEWVLTAAHCLEKSPRPSSYKVILGAHQ
EVNLEPHVQEIEVSRLFLEPTRKDIALLKLSSPAVITDKVIPACLPSPNYVVADRTECFITGWGETQGTFGAGLLKEAQL
PVIENKVCNRYEFLNGRVQSTELCAGHLAGGTDSCQGDSGGPLVCFEKDKYILQGVTSWGLGCARPNKPGVYVRVSRFVT
WIEGVMRNN
;
A,B
2 'polypeptide(L)' GRAYKSKPPIAFPD C,D
#
loop_
_chem_comp.id
_chem_comp.type
_chem_comp.name
_chem_comp.formula
WMH non-polymer 1-methyl-1H-1,2,3-triazole 'C3 H5 N3'
#
# COMPACT_ATOMS: atom_id res chain seq x y z
N PHE A 4 20.23 -30.81 -9.09
CA PHE A 4 20.53 -29.42 -9.46
C PHE A 4 20.85 -28.57 -8.23
N ASP A 5 21.61 -27.51 -8.45
CA ASP A 5 22.01 -26.57 -7.42
C ASP A 5 21.34 -25.22 -7.67
N CYS A 6 20.97 -24.53 -6.61
CA CYS A 6 20.29 -23.24 -6.75
C CYS A 6 21.22 -22.25 -7.43
N GLY A 7 20.61 -21.32 -8.18
CA GLY A 7 21.35 -20.21 -8.76
C GLY A 7 22.36 -20.59 -9.82
N LYS A 8 22.34 -21.81 -10.34
CA LYS A 8 23.26 -22.25 -11.40
C LYS A 8 22.47 -22.62 -12.65
N PRO A 9 22.34 -21.71 -13.61
CA PRO A 9 21.55 -22.03 -14.81
C PRO A 9 22.24 -23.07 -15.68
N GLN A 10 21.41 -23.88 -16.35
CA GLN A 10 21.92 -24.86 -17.31
C GLN A 10 22.18 -24.23 -18.67
N VAL A 11 21.72 -23.01 -18.91
CA VAL A 11 22.07 -22.22 -20.08
C VAL A 11 22.76 -20.97 -19.58
N GLU A 12 24.03 -20.80 -19.93
CA GLU A 12 24.80 -19.67 -19.47
C GLU A 12 24.24 -18.37 -20.06
N PRO A 13 23.83 -17.41 -19.24
CA PRO A 13 23.24 -16.18 -19.78
C PRO A 13 24.28 -15.28 -20.44
N LYS A 14 23.83 -14.60 -21.50
CA LYS A 14 24.71 -13.74 -22.28
C LYS A 14 24.98 -12.45 -21.50
N LYS A 15 26.25 -12.14 -21.28
CA LYS A 15 26.59 -10.79 -20.84
C LYS A 15 26.01 -9.79 -21.83
N CYS A 16 25.07 -8.97 -21.35
CA CYS A 16 24.38 -8.05 -22.25
C CYS A 16 25.22 -6.79 -22.42
N PRO A 17 25.78 -6.53 -23.62
CA PRO A 17 26.63 -5.36 -23.89
C PRO A 17 25.91 -4.03 -23.69
N VAL A 20 11.34 -4.56 -19.03
CA VAL A 20 12.73 -4.13 -18.99
C VAL A 20 13.01 -3.14 -20.11
N VAL A 21 13.51 -1.95 -19.74
CA VAL A 21 13.95 -0.94 -20.71
C VAL A 21 15.44 -1.10 -20.91
N GLY A 22 15.88 -1.05 -22.18
CA GLY A 22 17.26 -1.35 -22.46
C GLY A 22 17.52 -2.84 -22.34
N GLY A 23 18.78 -3.19 -22.08
CA GLY A 23 19.13 -4.59 -21.93
C GLY A 23 18.91 -5.36 -23.22
N CYS A 24 18.56 -6.63 -23.07
CA CYS A 24 18.37 -7.46 -24.27
C CYS A 24 17.52 -8.67 -23.94
N VAL A 25 17.01 -9.30 -25.02
CA VAL A 25 16.31 -10.55 -24.90
C VAL A 25 17.27 -11.62 -24.39
N ALA A 26 16.87 -12.34 -23.34
CA ALA A 26 17.73 -13.34 -22.76
C ALA A 26 17.83 -14.58 -23.65
N HIS A 27 18.89 -15.35 -23.44
CA HIS A 27 18.91 -16.70 -23.97
C HIS A 27 17.76 -17.47 -23.35
N PRO A 28 16.96 -18.19 -24.14
CA PRO A 28 15.86 -18.97 -23.56
C PRO A 28 16.35 -19.88 -22.44
N HIS A 29 15.73 -19.73 -21.26
CA HIS A 29 15.93 -20.58 -20.10
C HIS A 29 17.28 -20.37 -19.43
N SER A 30 17.97 -19.26 -19.73
CA SER A 30 19.18 -18.90 -19.01
C SER A 30 18.89 -18.34 -17.62
N TRP A 31 17.64 -18.01 -17.34
CA TRP A 31 17.20 -17.53 -16.03
C TRP A 31 16.08 -18.45 -15.53
N PRO A 32 16.44 -19.67 -15.09
CA PRO A 32 15.40 -20.70 -14.86
C PRO A 32 14.55 -20.47 -13.63
N TRP A 33 14.85 -19.48 -12.79
CA TRP A 33 14.04 -19.16 -11.63
C TRP A 33 13.01 -18.07 -11.92
N GLN A 34 13.04 -17.50 -13.12
CA GLN A 34 12.10 -16.43 -13.47
C GLN A 34 10.70 -16.98 -13.62
N VAL A 35 9.75 -16.36 -12.91
CA VAL A 35 8.36 -16.79 -12.88
C VAL A 35 7.49 -15.72 -13.51
N SER A 36 6.45 -16.16 -14.24
CA SER A 36 5.40 -15.27 -14.70
C SER A 36 4.19 -15.44 -13.80
N LEU A 37 3.92 -14.44 -12.97
CA LEU A 37 2.72 -14.44 -12.14
C LEU A 37 1.54 -13.98 -12.99
N ARG A 38 0.47 -14.76 -12.98
CA ARG A 38 -0.66 -14.52 -13.87
C ARG A 38 -1.96 -14.58 -13.09
N THR A 39 -2.96 -13.85 -13.60
CA THR A 39 -4.30 -13.94 -13.06
C THR A 39 -4.88 -15.32 -13.37
N ARG A 40 -5.90 -15.70 -12.59
CA ARG A 40 -6.62 -16.94 -12.86
C ARG A 40 -7.06 -17.01 -14.32
N PHE A 41 -7.42 -15.86 -14.89
CA PHE A 41 -7.86 -15.77 -16.28
C PHE A 41 -6.74 -15.32 -17.22
N GLY A 42 -5.50 -15.62 -16.88
CA GLY A 42 -4.44 -15.76 -17.87
C GLY A 42 -3.65 -14.54 -18.29
N MET A 43 -3.69 -13.45 -17.53
CA MET A 43 -2.96 -12.24 -17.89
C MET A 43 -1.68 -12.14 -17.07
N HIS A 44 -0.55 -12.00 -17.76
CA HIS A 44 0.69 -11.69 -17.05
C HIS A 44 0.62 -10.27 -16.49
N PHE A 45 0.87 -10.13 -15.19
CA PHE A 45 0.83 -8.82 -14.55
C PHE A 45 2.01 -8.56 -13.63
N CYS A 46 2.85 -9.54 -13.34
CA CYS A 46 3.97 -9.38 -12.43
C CYS A 46 4.94 -10.52 -12.65
N GLY A 47 6.14 -10.37 -12.08
CA GLY A 47 7.12 -11.40 -12.07
C GLY A 47 7.29 -11.98 -10.67
N GLY A 48 8.18 -12.96 -10.58
CA GLY A 48 8.46 -13.62 -9.32
C GLY A 48 9.71 -14.45 -9.50
N THR A 49 10.20 -14.95 -8.37
CA THR A 49 11.42 -15.74 -8.35
C THR A 49 11.17 -17.04 -7.59
N LEU A 50 11.36 -18.17 -8.27
CA LEU A 50 11.30 -19.46 -7.60
C LEU A 50 12.52 -19.59 -6.69
N ILE A 51 12.29 -19.78 -5.39
CA ILE A 51 13.38 -19.93 -4.43
C ILE A 51 13.45 -21.34 -3.85
N SER A 52 12.50 -22.21 -4.19
CA SER A 52 12.50 -23.62 -3.84
C SER A 52 11.34 -24.25 -4.61
N PRO A 53 11.26 -25.58 -4.70
CA PRO A 53 10.20 -26.17 -5.54
C PRO A 53 8.78 -25.77 -5.16
N GLU A 54 8.55 -25.33 -3.93
CA GLU A 54 7.20 -24.99 -3.48
C GLU A 54 6.93 -23.50 -3.38
N TRP A 55 7.94 -22.65 -3.44
CA TRP A 55 7.82 -21.27 -2.98
C TRP A 55 8.25 -20.27 -4.04
N VAL A 56 7.44 -19.23 -4.23
CA VAL A 56 7.72 -18.14 -5.15
C VAL A 56 7.78 -16.84 -4.37
N LEU A 57 8.87 -16.09 -4.57
CA LEU A 57 9.08 -14.81 -3.92
C LEU A 57 8.71 -13.68 -4.89
N THR A 58 7.87 -12.76 -4.43
CA THR A 58 7.38 -11.68 -5.29
C THR A 58 7.13 -10.45 -4.42
N ALA A 59 6.46 -9.44 -4.99
CA ALA A 59 6.20 -8.18 -4.32
C ALA A 59 4.76 -8.15 -3.79
N ALA A 60 4.60 -7.62 -2.57
CA ALA A 60 3.29 -7.58 -1.93
C ALA A 60 2.25 -6.87 -2.79
N HIS A 61 2.64 -5.77 -3.43
CA HIS A 61 1.66 -4.96 -4.15
C HIS A 61 1.13 -5.66 -5.40
N CYS A 62 1.82 -6.69 -5.90
CA CYS A 62 1.27 -7.46 -7.01
C CYS A 62 -0.03 -8.15 -6.62
N LEU A 63 -0.27 -8.32 -5.32
CA LEU A 63 -1.39 -9.13 -4.85
C LEU A 63 -2.58 -8.30 -4.39
N GLU A 64 -2.57 -6.99 -4.60
CA GLU A 64 -3.58 -6.13 -3.99
C GLU A 64 -4.98 -6.38 -4.57
N LYS A 65 -5.06 -6.81 -5.82
CA LYS A 65 -6.35 -6.99 -6.47
C LYS A 65 -7.12 -8.22 -5.97
N SER A 66 -6.48 -9.11 -5.21
CA SER A 66 -7.18 -10.28 -4.66
C SER A 66 -6.38 -10.91 -3.52
N PRO A 67 -7.02 -11.19 -2.39
CA PRO A 67 -6.37 -11.97 -1.34
C PRO A 67 -6.56 -13.47 -1.45
N ARG A 68 -7.33 -13.95 -2.43
CA ARG A 68 -7.61 -15.37 -2.56
C ARG A 68 -6.52 -16.04 -3.38
N PRO A 69 -5.86 -17.09 -2.88
CA PRO A 69 -4.83 -17.76 -3.69
C PRO A 69 -5.33 -18.27 -5.02
N SER A 70 -6.56 -18.80 -5.06
CA SER A 70 -7.16 -19.33 -6.26
C SER A 70 -7.31 -18.31 -7.38
N SER A 71 -6.90 -17.06 -7.14
CA SER A 71 -6.89 -16.03 -8.16
C SER A 71 -5.59 -15.96 -8.94
N TYR A 72 -4.55 -16.67 -8.51
CA TYR A 72 -3.22 -16.56 -9.11
C TYR A 72 -2.71 -17.92 -9.57
N LYS A 73 -1.92 -17.91 -10.64
CA LYS A 73 -1.20 -19.10 -11.09
C LYS A 73 0.17 -18.68 -11.57
N VAL A 74 1.16 -19.51 -11.28
CA VAL A 74 2.54 -19.20 -11.62
CA VAL A 74 2.56 -19.24 -11.60
C VAL A 74 2.92 -19.99 -12.87
N ILE A 75 3.68 -19.34 -13.76
CA ILE A 75 4.17 -19.94 -14.98
C ILE A 75 5.69 -20.02 -14.85
N LEU A 76 6.22 -21.23 -15.00
CA LEU A 76 7.65 -21.48 -14.84
C LEU A 76 8.23 -22.08 -16.11
N GLY A 77 9.49 -21.75 -16.37
CA GLY A 77 10.23 -22.29 -17.51
C GLY A 77 9.92 -21.64 -18.84
N ALA A 78 9.27 -20.49 -18.84
CA ALA A 78 8.81 -19.87 -20.07
C ALA A 78 9.83 -18.86 -20.59
N HIS A 79 9.78 -18.62 -21.90
CA HIS A 79 10.53 -17.54 -22.52
C HIS A 79 9.64 -16.47 -23.13
N GLN A 80 8.48 -16.84 -23.63
CA GLN A 80 7.53 -15.91 -24.22
C GLN A 80 6.49 -15.49 -23.19
N GLU A 81 5.91 -14.31 -23.42
CA GLU A 81 4.86 -13.83 -22.53
C GLU A 81 3.53 -14.47 -22.85
N VAL A 82 3.22 -14.66 -24.14
CA VAL A 82 1.88 -15.06 -24.54
C VAL A 82 1.82 -16.50 -25.02
N ASN A 83 2.38 -16.78 -26.21
CA ASN A 83 2.26 -18.09 -26.83
C ASN A 83 3.30 -19.04 -26.23
N LEU A 84 2.99 -19.53 -25.03
CA LEU A 84 3.96 -20.27 -24.22
C LEU A 84 4.40 -21.56 -24.91
N GLU A 85 5.62 -22.01 -24.57
CA GLU A 85 6.18 -23.24 -25.09
C GLU A 85 5.39 -24.44 -24.57
N PRO A 86 5.57 -25.62 -25.18
CA PRO A 86 4.77 -26.77 -24.73
C PRO A 86 5.10 -27.27 -23.33
N HIS A 87 6.38 -27.27 -22.95
CA HIS A 87 6.80 -27.86 -21.68
C HIS A 87 6.78 -26.86 -20.52
N VAL A 88 6.10 -25.72 -20.69
CA VAL A 88 6.00 -24.75 -19.61
C VAL A 88 5.16 -25.32 -18.47
N GLN A 89 5.59 -25.06 -17.23
CA GLN A 89 4.85 -25.50 -16.06
C GLN A 89 3.93 -24.40 -15.56
N GLU A 90 2.73 -24.81 -15.13
CA GLU A 90 1.63 -23.90 -14.84
C GLU A 90 0.94 -24.41 -13.57
N ILE A 91 1.36 -23.88 -12.42
CA ILE A 91 0.93 -24.37 -11.12
C ILE A 91 0.06 -23.32 -10.45
N GLU A 92 -1.05 -23.75 -9.85
CA GLU A 92 -1.89 -22.85 -9.09
C GLU A 92 -1.25 -22.51 -7.75
N VAL A 93 -1.58 -21.35 -7.23
CA VAL A 93 -1.09 -20.89 -5.95
C VAL A 93 -2.04 -21.36 -4.86
N SER A 94 -1.50 -21.92 -3.78
CA SER A 94 -2.33 -22.42 -2.69
C SER A 94 -2.38 -21.50 -1.48
N ARG A 95 -1.33 -20.72 -1.22
CA ARG A 95 -1.30 -19.86 -0.04
C ARG A 95 -0.52 -18.60 -0.36
N LEU A 96 -0.91 -17.50 0.29
CA LEU A 96 -0.26 -16.21 0.13
C LEU A 96 0.22 -15.72 1.49
N PHE A 97 1.48 -15.29 1.57
CA PHE A 97 2.04 -14.77 2.80
C PHE A 97 2.68 -13.41 2.52
N LEU A 98 2.15 -12.37 3.15
CA LEU A 98 2.70 -11.02 3.08
C LEU A 98 3.61 -10.77 4.27
N GLU A 99 4.70 -10.06 4.02
CA GLU A 99 5.63 -9.73 5.09
C GLU A 99 4.90 -8.95 6.19
N PRO A 100 5.13 -9.25 7.46
CA PRO A 100 4.26 -8.75 8.52
C PRO A 100 4.55 -7.34 9.01
N THR A 101 5.60 -6.68 8.52
CA THR A 101 5.73 -5.25 8.79
C THR A 101 5.30 -4.42 7.60
N ARG A 102 4.61 -5.03 6.63
CA ARG A 102 3.97 -4.34 5.50
C ARG A 102 4.97 -3.83 4.47
N LYS A 103 6.14 -4.45 4.38
CA LYS A 103 7.07 -4.14 3.30
C LYS A 103 6.64 -4.87 2.03
N ASP A 104 7.21 -4.43 0.90
CA ASP A 104 6.66 -4.78 -0.42
C ASP A 104 7.24 -6.12 -0.93
N ILE A 105 7.03 -7.17 -0.14
CA ILE A 105 7.50 -8.49 -0.51
C ILE A 105 6.52 -9.51 0.03
N ALA A 106 6.33 -10.61 -0.73
CA ALA A 106 5.38 -11.64 -0.37
C ALA A 106 5.87 -12.98 -0.90
N LEU A 107 5.26 -14.05 -0.37
CA LEU A 107 5.54 -15.42 -0.73
C LEU A 107 4.27 -16.08 -1.24
N LEU A 108 4.36 -16.72 -2.40
CA LEU A 108 3.34 -17.63 -2.88
C LEU A 108 3.79 -19.06 -2.63
N LYS A 109 2.85 -19.91 -2.21
CA LYS A 109 3.11 -21.33 -2.06
C LYS A 109 2.39 -22.06 -3.18
N LEU A 110 3.15 -22.78 -4.00
CA LEU A 110 2.56 -23.54 -5.09
C LEU A 110 1.72 -24.68 -4.53
N SER A 111 0.67 -25.04 -5.27
CA SER A 111 -0.23 -26.08 -4.81
C SER A 111 0.33 -27.48 -5.06
N SER A 112 1.23 -27.62 -6.03
CA SER A 112 2.03 -28.82 -6.20
C SER A 112 3.44 -28.32 -6.49
N PRO A 113 4.45 -28.94 -5.91
CA PRO A 113 5.82 -28.43 -6.09
C PRO A 113 6.23 -28.43 -7.55
N ALA A 114 7.04 -27.44 -7.92
CA ALA A 114 7.53 -27.38 -9.29
C ALA A 114 8.52 -28.52 -9.54
N VAL A 115 8.42 -29.13 -10.72
CA VAL A 115 9.38 -30.14 -11.14
C VAL A 115 10.67 -29.44 -11.54
N ILE A 116 11.77 -29.80 -10.88
CA ILE A 116 13.07 -29.20 -11.15
C ILE A 116 13.66 -29.88 -12.37
N THR A 117 13.77 -29.12 -13.46
CA THR A 117 14.37 -29.56 -14.70
C THR A 117 15.50 -28.58 -15.06
N ASP A 118 16.02 -28.71 -16.28
CA ASP A 118 17.05 -27.77 -16.72
C ASP A 118 16.48 -26.41 -17.10
N LYS A 119 15.15 -26.28 -17.15
CA LYS A 119 14.49 -25.03 -17.46
C LYS A 119 13.79 -24.40 -16.26
N VAL A 120 13.76 -25.07 -15.11
CA VAL A 120 13.08 -24.58 -13.92
C VAL A 120 13.96 -24.87 -12.70
N ILE A 121 14.69 -23.87 -12.22
CA ILE A 121 15.64 -24.07 -11.13
C ILE A 121 15.54 -22.92 -10.14
N PRO A 122 15.43 -23.18 -8.84
CA PRO A 122 15.38 -22.08 -7.86
C PRO A 122 16.68 -21.30 -7.79
N ALA A 123 16.57 -20.06 -7.32
CA ALA A 123 17.72 -19.21 -7.05
C ALA A 123 18.11 -19.32 -5.58
N CYS A 124 19.33 -18.88 -5.27
CA CYS A 124 19.77 -18.93 -3.88
C CYS A 124 19.44 -17.64 -3.15
N LEU A 125 19.22 -17.78 -1.84
CA LEU A 125 18.96 -16.70 -0.91
C LEU A 125 20.27 -16.16 -0.35
N PRO A 126 20.33 -14.86 -0.04
CA PRO A 126 21.54 -14.31 0.55
C PRO A 126 21.64 -14.71 2.01
N SER A 127 22.83 -14.51 2.56
CA SER A 127 22.96 -14.57 4.00
C SER A 127 22.10 -13.46 4.61
N PRO A 128 21.46 -13.71 5.75
CA PRO A 128 20.58 -12.67 6.34
C PRO A 128 21.34 -11.39 6.61
N ASN A 129 20.67 -10.25 6.35
CA ASN A 129 21.15 -8.91 6.71
C ASN A 129 22.45 -8.55 5.99
N TYR A 130 22.69 -9.14 4.83
CA TYR A 130 23.88 -8.86 4.04
C TYR A 130 23.63 -7.67 3.11
N VAL A 131 24.64 -6.81 2.99
CA VAL A 131 24.54 -5.58 2.22
C VAL A 131 25.39 -5.73 0.96
N VAL A 132 24.73 -5.76 -0.20
CA VAL A 132 25.42 -5.82 -1.48
C VAL A 132 26.19 -4.52 -1.67
N ALA A 133 27.51 -4.62 -1.83
CA ALA A 133 28.37 -3.46 -1.78
C ALA A 133 28.11 -2.51 -2.95
N ASP A 134 28.57 -1.27 -2.79
CA ASP A 134 28.41 -0.25 -3.81
C ASP A 134 29.15 -0.65 -5.08
N ARG A 135 28.42 -0.66 -6.20
CA ARG A 135 28.92 -0.86 -7.56
C ARG A 135 28.99 -2.33 -7.95
N THR A 136 28.30 -3.20 -7.22
CA THR A 136 28.22 -4.61 -7.58
C THR A 136 27.35 -4.77 -8.83
N GLU A 137 27.85 -5.52 -9.82
CA GLU A 137 27.12 -5.75 -11.05
C GLU A 137 26.11 -6.88 -10.84
N CYS A 138 24.85 -6.61 -11.18
CA CYS A 138 23.76 -7.55 -10.99
C CYS A 138 22.91 -7.61 -12.26
N PHE A 139 21.85 -8.43 -12.22
CA PHE A 139 20.97 -8.60 -13.36
C PHE A 139 19.51 -8.49 -12.94
N ILE A 140 18.71 -7.88 -13.80
CA ILE A 140 17.26 -7.87 -13.65
C ILE A 140 16.67 -8.57 -14.87
N THR A 141 15.55 -9.26 -14.65
CA THR A 141 14.88 -9.97 -15.71
C THR A 141 13.37 -9.74 -15.59
N GLY A 142 12.67 -9.88 -16.69
CA GLY A 142 11.21 -9.78 -16.68
C GLY A 142 10.65 -9.53 -18.05
N TRP A 143 9.33 -9.61 -18.13
CA TRP A 143 8.57 -9.38 -19.34
C TRP A 143 7.92 -7.99 -19.37
N GLY A 144 8.42 -7.05 -18.58
CA GLY A 144 7.77 -5.76 -18.43
C GLY A 144 7.93 -4.84 -19.63
N GLU A 145 7.33 -3.65 -19.48
CA GLU A 145 7.34 -2.61 -20.50
C GLU A 145 8.77 -2.31 -20.95
N THR A 146 8.94 -2.04 -22.25
CA THR A 146 10.26 -1.80 -22.80
C THR A 146 10.51 -0.36 -23.24
N GLN A 147 9.47 0.45 -23.40
CA GLN A 147 9.60 1.82 -23.87
C GLN A 147 10.42 1.89 -25.16
N GLY A 148 10.07 1.02 -26.10
CA GLY A 148 10.66 1.06 -27.42
C GLY A 148 12.10 0.65 -27.50
N THR A 149 12.64 0.00 -26.46
CA THR A 149 14.00 -0.52 -26.53
C THR A 149 14.04 -1.96 -27.03
N PHE A 150 12.99 -2.41 -27.72
CA PHE A 150 12.92 -3.72 -28.37
C PHE A 150 12.86 -4.86 -27.37
N GLY A 151 12.48 -6.04 -27.84
CA GLY A 151 12.33 -7.21 -27.00
C GLY A 151 10.97 -7.39 -26.37
N ALA A 152 9.95 -6.66 -26.84
CA ALA A 152 8.61 -6.79 -26.27
C ALA A 152 8.09 -8.21 -26.44
N GLY A 153 7.54 -8.77 -25.36
CA GLY A 153 6.96 -10.09 -25.42
C GLY A 153 7.91 -11.24 -25.21
N LEU A 154 9.21 -10.97 -25.03
CA LEU A 154 10.19 -11.99 -24.73
C LEU A 154 10.85 -11.66 -23.39
N LEU A 155 11.40 -12.69 -22.74
CA LEU A 155 12.07 -12.47 -21.47
C LEU A 155 13.33 -11.66 -21.69
N LYS A 156 13.39 -10.47 -21.11
CA LYS A 156 14.54 -9.59 -21.27
C LYS A 156 15.36 -9.56 -19.99
N GLU A 157 16.61 -9.14 -20.16
CA GLU A 157 17.56 -9.01 -19.07
C GLU A 157 18.26 -7.68 -19.19
N ALA A 158 18.81 -7.20 -18.08
CA ALA A 158 19.65 -6.02 -18.10
C ALA A 158 20.68 -6.13 -16.99
N GLN A 159 21.90 -5.73 -17.28
CA GLN A 159 22.97 -5.71 -16.31
C GLN A 159 23.04 -4.33 -15.66
N LEU A 160 22.96 -4.31 -14.33
CA LEU A 160 22.84 -3.06 -13.57
C LEU A 160 23.81 -3.04 -12.41
N PRO A 161 24.44 -1.90 -12.14
CA PRO A 161 25.23 -1.76 -10.91
C PRO A 161 24.36 -1.35 -9.73
N VAL A 162 24.74 -1.84 -8.56
CA VAL A 162 24.07 -1.49 -7.33
C VAL A 162 24.63 -0.16 -6.82
N ILE A 163 23.74 0.73 -6.39
CA ILE A 163 24.10 2.07 -5.91
C ILE A 163 23.76 2.14 -4.42
N GLU A 164 24.75 2.42 -3.59
CA GLU A 164 24.54 2.37 -2.14
C GLU A 164 23.58 3.47 -1.68
N ASN A 165 22.90 3.18 -0.57
CA ASN A 165 21.71 3.94 -0.20
C ASN A 165 22.02 5.41 0.07
N LYS A 166 23.11 5.69 0.79
CA LYS A 166 23.43 7.08 1.11
C LYS A 166 23.61 7.92 -0.14
N VAL A 167 24.20 7.36 -1.19
CA VAL A 167 24.33 8.07 -2.46
C VAL A 167 23.00 8.12 -3.18
N CYS A 168 22.29 6.99 -3.21
CA CYS A 168 21.02 6.92 -3.91
C CYS A 168 19.98 7.87 -3.32
N ASN A 169 20.10 8.20 -2.02
CA ASN A 169 19.13 9.03 -1.31
C ASN A 169 19.39 10.54 -1.44
N ARG A 170 20.37 10.95 -2.24
CA ARG A 170 20.65 12.37 -2.38
C ARG A 170 19.52 13.10 -3.12
N TYR A 171 19.40 14.39 -2.84
CA TYR A 171 18.34 15.21 -3.43
C TYR A 171 18.26 15.03 -4.94
N GLU A 172 19.40 15.11 -5.62
CA GLU A 172 19.42 15.03 -7.08
C GLU A 172 19.02 13.66 -7.60
N PHE A 173 18.93 12.64 -6.73
CA PHE A 173 18.44 11.33 -7.15
C PHE A 173 17.06 11.08 -6.55
N LEU A 174 16.94 10.19 -5.56
CA LEU A 174 15.64 9.83 -5.04
C LEU A 174 15.27 10.59 -3.76
N ASN A 175 16.13 11.47 -3.28
CA ASN A 175 15.82 12.49 -2.27
C ASN A 175 15.08 11.90 -1.06
N GLY A 176 15.74 10.93 -0.42
CA GLY A 176 15.30 10.41 0.87
C GLY A 176 14.28 9.30 0.84
N ARG A 177 13.71 8.97 -0.32
CA ARG A 177 12.60 8.03 -0.38
C ARG A 177 13.00 6.60 -0.05
N VAL A 178 14.26 6.23 -0.20
CA VAL A 178 14.67 4.82 -0.16
C VAL A 178 14.98 4.42 1.28
N GLN A 179 14.29 3.38 1.76
CA GLN A 179 14.49 2.87 3.10
C GLN A 179 15.65 1.87 3.14
N SER A 180 16.08 1.55 4.36
CA SER A 180 17.21 0.63 4.53
C SER A 180 16.88 -0.79 4.09
N THR A 181 15.61 -1.17 4.12
CA THR A 181 15.19 -2.46 3.62
C THR A 181 14.96 -2.45 2.11
N GLU A 182 15.46 -1.42 1.42
CA GLU A 182 15.43 -1.34 -0.02
C GLU A 182 16.86 -1.17 -0.55
N LEU A 183 17.04 -1.46 -1.84
CA LEU A 183 18.29 -1.14 -2.52
C LEU A 183 17.98 -0.50 -3.86
N CYS A 184 18.93 0.29 -4.36
CA CYS A 184 18.82 0.91 -5.68
C CYS A 184 19.78 0.23 -6.65
N ALA A 185 19.43 0.30 -7.93
CA ALA A 185 20.31 -0.20 -8.97
C ALA A 185 19.92 0.46 -10.28
N GLY A 186 20.93 0.72 -11.11
CA GLY A 186 20.69 1.27 -12.43
C GLY A 186 21.87 2.12 -12.87
N HIS A 187 21.74 2.65 -14.08
CA HIS A 187 22.71 3.58 -14.64
C HIS A 187 22.18 4.99 -14.47
N LEU A 188 22.91 5.81 -13.71
CA LEU A 188 22.44 7.16 -13.43
C LEU A 188 22.23 7.97 -14.69
N ALA A 189 22.94 7.61 -15.77
CA ALA A 189 22.71 8.27 -17.07
C ALA A 189 21.32 7.99 -17.62
N GLY A 190 20.66 6.93 -17.13
CA GLY A 190 19.36 6.55 -17.63
C GLY A 190 19.45 5.57 -18.78
N GLY A 191 18.28 5.14 -19.23
CA GLY A 191 18.17 4.27 -20.38
C GLY A 191 18.00 2.80 -20.09
N THR A 192 18.18 2.38 -18.84
CA THR A 192 18.07 0.98 -18.47
C THR A 192 17.36 0.85 -17.13
N ASP A 193 16.28 0.06 -17.10
CA ASP A 193 15.54 -0.10 -15.86
C ASP A 193 14.57 -1.27 -16.01
N SER A 194 14.01 -1.68 -14.89
CA SER A 194 12.81 -2.48 -14.89
C SER A 194 11.60 -1.55 -14.99
N CYS A 195 10.51 -2.04 -15.55
CA CYS A 195 9.35 -1.21 -15.80
C CYS A 195 8.09 -2.03 -15.53
N GLN A 196 6.92 -1.45 -15.82
CA GLN A 196 5.67 -2.07 -15.40
C GLN A 196 5.50 -3.44 -16.05
N GLY A 197 5.18 -4.43 -15.22
CA GLY A 197 5.20 -5.81 -15.61
C GLY A 197 6.39 -6.58 -15.09
N ASP A 198 7.36 -5.90 -14.47
CA ASP A 198 8.53 -6.55 -13.90
C ASP A 198 8.50 -6.65 -12.38
N SER A 199 7.57 -5.93 -11.73
CA SER A 199 7.40 -6.02 -10.27
C SER A 199 7.36 -7.47 -9.81
N GLY A 200 7.97 -7.72 -8.64
CA GLY A 200 8.08 -9.05 -8.10
C GLY A 200 9.19 -9.90 -8.69
N GLY A 201 9.74 -9.49 -9.84
CA GLY A 201 10.80 -10.24 -10.47
C GLY A 201 12.13 -10.07 -9.77
N PRO A 202 13.13 -10.81 -10.23
CA PRO A 202 14.41 -10.88 -9.52
C PRO A 202 15.39 -9.76 -9.87
N LEU A 203 16.23 -9.46 -8.88
CA LEU A 203 17.53 -8.83 -9.09
C LEU A 203 18.55 -9.78 -8.46
N VAL A 204 19.39 -10.41 -9.29
CA VAL A 204 20.35 -11.41 -8.85
C VAL A 204 21.76 -10.90 -9.10
N CYS A 205 22.68 -11.31 -8.23
CA CYS A 205 24.08 -10.91 -8.32
C CYS A 205 24.97 -12.15 -8.23
N PHE A 206 25.88 -12.29 -9.19
CA PHE A 206 26.75 -13.46 -9.23
C PHE A 206 27.76 -13.44 -8.10
N GLU A 207 27.94 -14.59 -7.46
CA GLU A 207 28.88 -14.72 -6.34
C GLU A 207 29.55 -16.08 -6.45
N LYS A 208 30.87 -16.07 -6.68
CA LYS A 208 31.67 -17.28 -6.82
C LYS A 208 31.24 -18.09 -8.03
N ASP A 209 30.16 -18.88 -7.90
CA ASP A 209 29.72 -19.75 -8.98
C ASP A 209 28.22 -19.77 -9.19
N LYS A 210 27.45 -18.95 -8.49
CA LYS A 210 26.00 -18.99 -8.61
C LYS A 210 25.44 -17.59 -8.43
N TYR A 211 24.21 -17.42 -8.90
CA TYR A 211 23.49 -16.16 -8.73
C TYR A 211 22.75 -16.16 -7.41
N ILE A 212 22.83 -15.05 -6.70
CA ILE A 212 22.20 -14.87 -5.41
C ILE A 212 21.13 -13.80 -5.55
N LEU A 213 19.90 -14.15 -5.21
CA LEU A 213 18.79 -13.20 -5.29
C LEU A 213 18.96 -12.16 -4.21
N GLN A 214 19.17 -10.91 -4.61
CA GLN A 214 19.44 -9.85 -3.65
C GLN A 214 18.37 -8.78 -3.64
N GLY A 215 17.48 -8.74 -4.63
CA GLY A 215 16.42 -7.74 -4.65
C GLY A 215 15.18 -8.24 -5.36
N VAL A 216 14.07 -7.58 -5.06
CA VAL A 216 12.79 -7.84 -5.71
C VAL A 216 12.30 -6.54 -6.33
N THR A 217 11.95 -6.59 -7.62
CA THR A 217 11.56 -5.40 -8.34
C THR A 217 10.30 -4.78 -7.75
N SER A 218 10.37 -3.49 -7.41
CA SER A 218 9.32 -2.83 -6.64
C SER A 218 8.80 -1.54 -7.27
N TRP A 219 9.58 -0.46 -7.22
CA TRP A 219 9.08 0.83 -7.69
C TRP A 219 10.22 1.69 -8.23
N GLY A 220 9.84 2.83 -8.80
CA GLY A 220 10.77 3.82 -9.32
C GLY A 220 10.03 5.09 -9.63
N LEU A 221 10.79 6.16 -9.89
CA LEU A 221 10.22 7.40 -10.43
C LEU A 221 10.32 7.30 -11.95
N GLY A 222 9.30 6.70 -12.54
CA GLY A 222 9.38 6.36 -13.94
C GLY A 222 10.34 5.19 -14.16
N CYS A 223 10.71 5.00 -15.42
CA CYS A 223 11.62 3.94 -15.83
C CYS A 223 12.72 4.53 -16.68
N ALA A 224 13.97 4.19 -16.35
CA ALA A 224 15.13 4.50 -17.18
C ALA A 224 15.35 6.00 -17.34
N ARG A 225 14.93 6.76 -16.36
CA ARG A 225 15.15 8.19 -16.42
C ARG A 225 16.48 8.54 -15.78
N PRO A 226 17.16 9.57 -16.30
CA PRO A 226 18.42 10.01 -15.70
C PRO A 226 18.26 10.36 -14.23
N ASN A 227 19.26 10.00 -13.43
CA ASN A 227 19.33 10.31 -12.01
C ASN A 227 18.17 9.69 -11.23
N LYS A 228 17.51 8.68 -11.78
CA LYS A 228 16.36 8.04 -11.16
C LYS A 228 16.47 6.52 -11.28
N PRO A 229 17.30 5.89 -10.46
CA PRO A 229 17.47 4.44 -10.55
C PRO A 229 16.29 3.68 -9.95
N GLY A 230 16.19 2.40 -10.31
CA GLY A 230 15.11 1.57 -9.82
C GLY A 230 15.36 1.12 -8.39
N VAL A 231 14.27 0.98 -7.64
CA VAL A 231 14.33 0.60 -6.23
C VAL A 231 13.81 -0.83 -6.08
N TYR A 232 14.52 -1.62 -5.28
CA TYR A 232 14.24 -3.03 -5.08
C TYR A 232 14.22 -3.32 -3.59
N VAL A 233 13.34 -4.22 -3.17
CA VAL A 233 13.31 -4.65 -1.78
C VAL A 233 14.57 -5.47 -1.49
N ARG A 234 15.24 -5.18 -0.38
CA ARG A 234 16.49 -5.81 -0.03
C ARG A 234 16.23 -7.18 0.58
N VAL A 235 16.47 -8.24 -0.19
CA VAL A 235 16.01 -9.58 0.17
C VAL A 235 16.70 -10.11 1.43
N SER A 236 17.95 -9.73 1.67
CA SER A 236 18.65 -10.25 2.83
C SER A 236 17.99 -9.82 4.15
N ARG A 237 17.28 -8.68 4.15
CA ARG A 237 16.64 -8.22 5.38
C ARG A 237 15.39 -9.01 5.74
N PHE A 238 14.93 -9.90 4.85
CA PHE A 238 13.73 -10.68 5.07
C PHE A 238 13.99 -12.18 4.97
N VAL A 239 15.27 -12.59 5.01
CA VAL A 239 15.59 -14.00 4.82
C VAL A 239 15.08 -14.83 5.99
N THR A 240 15.35 -14.39 7.23
CA THR A 240 14.83 -15.12 8.39
C THR A 240 13.32 -15.26 8.33
N TRP A 241 12.62 -14.21 7.91
CA TRP A 241 11.17 -14.30 7.75
C TRP A 241 10.80 -15.34 6.69
N ILE A 242 11.39 -15.22 5.49
CA ILE A 242 11.07 -16.14 4.40
C ILE A 242 11.29 -17.58 4.84
N GLU A 243 12.39 -17.85 5.54
CA GLU A 243 12.69 -19.22 5.95
C GLU A 243 11.70 -19.71 7.00
N GLY A 244 11.29 -18.83 7.92
CA GLY A 244 10.29 -19.21 8.90
C GLY A 244 8.98 -19.61 8.27
N VAL A 245 8.54 -18.88 7.25
CA VAL A 245 7.32 -19.22 6.55
C VAL A 245 7.47 -20.56 5.82
N MET A 246 8.57 -20.73 5.11
CA MET A 246 8.77 -21.96 4.33
C MET A 246 8.79 -23.19 5.24
N ARG A 247 9.47 -23.10 6.38
CA ARG A 247 9.63 -24.26 7.26
C ARG A 247 8.38 -24.59 8.05
N ASN A 248 7.37 -23.73 8.03
CA ASN A 248 6.14 -23.97 8.79
C ASN A 248 4.91 -24.06 7.92
N ASN A 249 5.06 -24.01 6.59
CA ASN A 249 3.94 -24.17 5.68
C ASN A 249 4.35 -24.95 4.44
N PHE B 4 -15.35 31.42 15.15
CA PHE B 4 -15.49 29.99 15.38
C PHE B 4 -14.18 29.32 15.79
N ASP B 5 -14.29 28.41 16.76
CA ASP B 5 -13.14 27.74 17.37
C ASP B 5 -13.09 26.30 16.88
N CYS B 6 -11.87 25.76 16.81
CA CYS B 6 -11.72 24.39 16.31
C CYS B 6 -12.38 23.41 17.27
N GLY B 7 -12.90 22.32 16.71
CA GLY B 7 -13.45 21.24 17.50
C GLY B 7 -14.63 21.61 18.38
N LYS B 8 -15.36 22.68 18.05
CA LYS B 8 -16.53 23.11 18.82
C LYS B 8 -17.70 23.29 17.87
N PRO B 9 -18.54 22.26 17.71
CA PRO B 9 -19.68 22.38 16.79
C PRO B 9 -20.65 23.45 17.26
N GLN B 10 -21.42 23.98 16.32
CA GLN B 10 -22.51 24.88 16.66
C GLN B 10 -23.82 24.13 16.89
N VAL B 11 -23.92 22.89 16.43
CA VAL B 11 -25.00 21.99 16.79
C VAL B 11 -24.40 20.90 17.66
N GLU B 12 -24.84 20.81 18.91
CA GLU B 12 -24.27 19.83 19.82
C GLU B 12 -24.62 18.42 19.37
N PRO B 13 -23.64 17.54 19.19
CA PRO B 13 -23.95 16.18 18.74
C PRO B 13 -24.62 15.36 19.82
N LYS B 14 -25.48 14.45 19.37
CA LYS B 14 -26.23 13.59 20.28
C LYS B 14 -25.31 12.52 20.87
N LYS B 15 -25.41 12.32 22.17
CA LYS B 15 -24.82 11.12 22.75
C LYS B 15 -25.56 9.91 22.18
N CYS B 16 -24.84 9.05 21.47
CA CYS B 16 -25.48 7.89 20.87
C CYS B 16 -25.43 6.72 21.86
N PRO B 17 -26.57 6.30 22.43
CA PRO B 17 -26.63 5.21 23.41
C PRO B 17 -26.32 3.84 22.80
N VAL B 20 -20.81 3.34 8.47
CA VAL B 20 -20.90 3.12 9.91
C VAL B 20 -21.92 2.04 10.20
N VAL B 21 -21.47 0.96 10.83
CA VAL B 21 -22.33 -0.13 11.27
C VAL B 21 -22.79 0.18 12.69
N GLY B 22 -24.09 0.04 12.94
CA GLY B 22 -24.60 0.43 14.24
C GLY B 22 -24.58 1.94 14.41
N GLY B 23 -24.57 2.38 15.66
CA GLY B 23 -24.54 3.80 15.89
C GLY B 23 -25.86 4.46 15.53
N CYS B 24 -25.78 5.73 15.13
CA CYS B 24 -26.99 6.46 14.79
C CYS B 24 -26.69 7.56 13.79
N VAL B 25 -27.75 8.04 13.16
CA VAL B 25 -27.67 9.19 12.27
C VAL B 25 -27.39 10.45 13.09
N ALA B 26 -26.34 11.17 12.72
CA ALA B 26 -25.95 12.36 13.46
C ALA B 26 -26.95 13.50 13.26
N HIS B 27 -27.03 14.38 14.27
CA HIS B 27 -27.70 15.65 14.07
C HIS B 27 -27.05 16.36 12.89
N PRO B 28 -27.82 16.87 11.93
CA PRO B 28 -27.21 17.59 10.81
C PRO B 28 -26.27 18.68 11.26
N HIS B 29 -25.02 18.60 10.82
CA HIS B 29 -23.97 19.57 11.05
C HIS B 29 -23.44 19.57 12.48
N SER B 30 -23.74 18.54 13.26
CA SER B 30 -23.10 18.43 14.57
C SER B 30 -21.65 18.00 14.47
N TRP B 31 -21.19 17.67 13.26
CA TRP B 31 -19.81 17.28 13.01
C TRP B 31 -19.30 18.09 11.83
N PRO B 32 -19.02 19.38 12.03
CA PRO B 32 -18.79 20.28 10.88
C PRO B 32 -17.42 20.15 10.24
N TRP B 33 -16.53 19.34 10.79
CA TRP B 33 -15.24 19.07 10.18
C TRP B 33 -15.25 17.87 9.25
N GLN B 34 -16.37 17.14 9.18
CA GLN B 34 -16.44 15.95 8.34
C GLN B 34 -16.60 16.35 6.88
N VAL B 35 -15.81 15.72 6.00
CA VAL B 35 -15.90 15.98 4.57
C VAL B 35 -16.12 14.68 3.83
N SER B 36 -16.64 14.78 2.62
CA SER B 36 -16.79 13.66 1.70
C SER B 36 -15.83 13.86 0.53
N LEU B 37 -14.92 12.92 0.34
CA LEU B 37 -14.02 12.94 -0.81
C LEU B 37 -14.74 12.31 -2.00
N ARG B 38 -14.69 12.99 -3.14
CA ARG B 38 -15.41 12.54 -4.32
C ARG B 38 -14.53 12.59 -5.56
N THR B 39 -14.85 11.74 -6.51
CA THR B 39 -14.15 11.64 -7.78
C THR B 39 -14.66 12.72 -8.73
N ARG B 40 -14.10 12.76 -9.94
CA ARG B 40 -14.68 13.58 -10.99
C ARG B 40 -16.12 13.16 -11.26
N PHE B 41 -16.38 11.85 -11.23
CA PHE B 41 -17.71 11.29 -11.45
C PHE B 41 -18.64 11.51 -10.26
N GLY B 42 -18.19 12.18 -9.20
CA GLY B 42 -19.05 12.55 -8.11
C GLY B 42 -19.43 11.45 -7.16
N MET B 43 -18.68 10.35 -7.13
CA MET B 43 -18.95 9.25 -6.21
C MET B 43 -18.22 9.48 -4.90
N HIS B 44 -18.96 9.44 -3.79
CA HIS B 44 -18.32 9.39 -2.48
C HIS B 44 -17.58 8.07 -2.33
N PHE B 45 -16.27 8.14 -2.10
CA PHE B 45 -15.47 6.93 -1.91
C PHE B 45 -14.69 6.90 -0.61
N CYS B 46 -14.59 8.02 0.11
CA CYS B 46 -13.81 8.10 1.33
C CYS B 46 -14.24 9.34 2.09
N GLY B 47 -13.84 9.38 3.36
CA GLY B 47 -14.06 10.54 4.21
C GLY B 47 -12.76 11.27 4.47
N GLY B 48 -12.90 12.37 5.21
CA GLY B 48 -11.76 13.17 5.60
C GLY B 48 -12.16 14.09 6.74
N THR B 49 -11.17 14.80 7.25
CA THR B 49 -11.37 15.74 8.34
C THR B 49 -10.75 17.08 7.95
N LEU B 50 -11.59 18.11 7.92
CA LEU B 50 -11.07 19.47 7.80
C LEU B 50 -10.34 19.81 9.08
N ILE B 51 -9.06 20.15 8.97
CA ILE B 51 -8.26 20.57 10.11
C ILE B 51 -7.85 22.01 10.03
N SER B 52 -8.27 22.71 8.99
CA SER B 52 -7.91 24.09 8.72
C SER B 52 -8.73 24.56 7.54
N PRO B 53 -8.88 25.88 7.35
CA PRO B 53 -9.62 26.36 6.17
C PRO B 53 -9.06 25.83 4.86
N GLU B 54 -7.81 25.37 4.82
CA GLU B 54 -7.18 24.94 3.58
C GLU B 54 -6.80 23.47 3.55
N TRP B 55 -6.88 22.75 4.66
CA TRP B 55 -6.27 21.43 4.78
C TRP B 55 -7.28 20.39 5.23
N VAL B 56 -7.28 19.25 4.54
CA VAL B 56 -8.07 18.08 4.90
C VAL B 56 -7.11 16.94 5.20
N LEU B 57 -7.36 16.24 6.30
CA LEU B 57 -6.59 15.05 6.67
C LEU B 57 -7.41 13.82 6.31
N THR B 58 -6.77 12.83 5.69
CA THR B 58 -7.46 11.61 5.29
C THR B 58 -6.47 10.45 5.30
N ALA B 59 -6.89 9.32 4.75
CA ALA B 59 -6.04 8.13 4.67
C ALA B 59 -5.32 8.08 3.32
N ALA B 60 -4.10 7.55 3.35
CA ALA B 60 -3.30 7.51 2.13
C ALA B 60 -3.91 6.58 1.09
N HIS B 61 -4.48 5.46 1.54
CA HIS B 61 -4.99 4.48 0.58
C HIS B 61 -6.23 4.96 -0.15
N CYS B 62 -6.86 6.05 0.30
CA CYS B 62 -7.98 6.60 -0.45
C CYS B 62 -7.53 7.18 -1.78
N LEU B 63 -6.28 7.62 -1.86
CA LEU B 63 -5.76 8.31 -3.04
C LEU B 63 -5.05 7.40 -4.01
N GLU B 64 -5.08 6.08 -3.78
CA GLU B 64 -4.26 5.18 -4.58
C GLU B 64 -4.69 5.16 -6.05
N LYS B 65 -5.97 5.41 -6.32
CA LYS B 65 -6.47 5.33 -7.69
C LYS B 65 -5.92 6.44 -8.58
N SER B 66 -5.46 7.56 -8.02
CA SER B 66 -4.88 8.62 -8.84
C SER B 66 -3.93 9.48 -8.03
N PRO B 67 -2.75 9.79 -8.55
CA PRO B 67 -1.85 10.74 -7.88
C PRO B 67 -2.09 12.21 -8.26
N ARG B 68 -3.14 12.51 -9.07
CA ARG B 68 -3.41 13.86 -9.56
C ARG B 68 -4.45 14.54 -8.69
N PRO B 69 -4.16 15.75 -8.19
CA PRO B 69 -5.17 16.46 -7.37
C PRO B 69 -6.43 16.80 -8.16
N SER B 70 -6.31 17.05 -9.46
CA SER B 70 -7.47 17.34 -10.30
C SER B 70 -8.46 16.19 -10.39
N SER B 71 -8.16 15.03 -9.79
CA SER B 71 -9.10 13.92 -9.75
C SER B 71 -10.03 13.97 -8.56
N TYR B 72 -9.73 14.78 -7.54
CA TYR B 72 -10.46 14.77 -6.29
C TYR B 72 -11.10 16.12 -6.00
N LYS B 73 -12.25 16.08 -5.35
CA LYS B 73 -12.89 17.28 -4.81
C LYS B 73 -13.47 16.95 -3.44
N VAL B 74 -13.48 17.94 -2.58
CA VAL B 74 -13.96 17.78 -1.22
CA VAL B 74 -13.94 17.80 -1.21
C VAL B 74 -15.32 18.43 -1.08
N ILE B 75 -16.21 17.76 -0.37
CA ILE B 75 -17.54 18.27 -0.05
C ILE B 75 -17.58 18.55 1.43
N LEU B 76 -17.98 19.77 1.80
CA LEU B 76 -18.03 20.18 3.19
C LEU B 76 -19.40 20.77 3.50
N GLY B 77 -19.83 20.60 4.75
CA GLY B 77 -21.12 21.07 5.20
C GLY B 77 -22.27 20.12 4.91
N ALA B 78 -22.00 18.95 4.32
CA ALA B 78 -23.04 18.05 3.90
C ALA B 78 -23.59 17.25 5.06
N HIS B 79 -24.85 16.84 4.93
CA HIS B 79 -25.44 15.81 5.77
C HIS B 79 -25.90 14.60 4.98
N GLN B 80 -26.45 14.82 3.79
CA GLN B 80 -26.80 13.74 2.88
C GLN B 80 -25.60 13.32 2.06
N GLU B 81 -25.65 12.08 1.59
CA GLU B 81 -24.62 11.57 0.69
C GLU B 81 -24.98 11.83 -0.77
N VAL B 82 -26.25 11.69 -1.13
CA VAL B 82 -26.65 11.68 -2.54
C VAL B 82 -27.18 13.05 -2.97
N ASN B 83 -28.33 13.45 -2.42
CA ASN B 83 -28.99 14.69 -2.82
C ASN B 83 -28.56 15.81 -1.87
N LEU B 84 -27.39 16.38 -2.13
CA LEU B 84 -26.78 17.34 -1.23
C LEU B 84 -27.67 18.58 -1.03
N GLU B 85 -27.48 19.23 0.11
CA GLU B 85 -28.18 20.47 0.38
C GLU B 85 -27.55 21.62 -0.42
N PRO B 86 -28.32 22.63 -0.79
CA PRO B 86 -27.81 23.62 -1.75
C PRO B 86 -26.65 24.45 -1.22
N HIS B 87 -26.54 24.63 0.09
CA HIS B 87 -25.47 25.45 0.66
C HIS B 87 -24.19 24.66 0.92
N VAL B 88 -24.06 23.48 0.32
CA VAL B 88 -22.85 22.69 0.47
C VAL B 88 -21.70 23.32 -0.28
N GLN B 89 -20.49 23.22 0.28
CA GLN B 89 -19.29 23.69 -0.38
C GLN B 89 -18.58 22.54 -1.08
N GLU B 90 -18.19 22.75 -2.34
CA GLU B 90 -17.40 21.78 -3.08
C GLU B 90 -16.16 22.49 -3.59
N ILE B 91 -15.00 22.05 -3.14
CA ILE B 91 -13.73 22.69 -3.48
C ILE B 91 -12.83 21.65 -4.13
N GLU B 92 -12.22 22.02 -5.26
CA GLU B 92 -11.22 21.17 -5.87
C GLU B 92 -9.98 21.08 -4.98
N VAL B 93 -9.22 20.01 -5.18
CA VAL B 93 -7.95 19.79 -4.47
C VAL B 93 -6.82 20.29 -5.35
N SER B 94 -5.80 20.89 -4.73
CA SER B 94 -4.66 21.43 -5.47
C SER B 94 -3.35 20.68 -5.23
N ARG B 95 -3.16 20.09 -4.06
CA ARG B 95 -1.94 19.32 -3.79
C ARG B 95 -2.27 18.11 -2.94
N LEU B 96 -1.50 17.04 -3.13
CA LEU B 96 -1.57 15.84 -2.31
C LEU B 96 -0.23 15.63 -1.63
N PHE B 97 -0.25 15.37 -0.32
CA PHE B 97 0.96 15.11 0.45
C PHE B 97 0.77 13.82 1.23
N LEU B 98 1.54 12.80 0.87
CA LEU B 98 1.51 11.53 1.58
C LEU B 98 2.61 11.50 2.64
N GLU B 99 2.30 10.82 3.75
CA GLU B 99 3.25 10.76 4.85
C GLU B 99 4.53 10.06 4.39
N PRO B 100 5.70 10.60 4.73
CA PRO B 100 6.94 10.16 4.07
C PRO B 100 7.42 8.79 4.48
N THR B 101 7.08 8.28 5.67
CA THR B 101 7.44 6.92 6.02
C THR B 101 6.39 5.91 5.59
N ARG B 102 5.50 6.29 4.67
CA ARG B 102 4.55 5.40 4.01
C ARG B 102 3.46 4.88 4.95
N LYS B 103 3.19 5.58 6.04
CA LYS B 103 2.02 5.26 6.84
C LYS B 103 0.76 5.80 6.16
N ASP B 104 -0.39 5.30 6.60
CA ASP B 104 -1.65 5.45 5.84
C ASP B 104 -2.36 6.76 6.22
N ILE B 105 -1.76 7.88 5.80
CA ILE B 105 -2.32 9.18 6.13
C ILE B 105 -1.80 10.20 5.12
N ALA B 106 -2.69 11.09 4.68
CA ALA B 106 -2.36 12.04 3.63
C ALA B 106 -3.08 13.36 3.89
N LEU B 107 -2.54 14.41 3.29
CA LEU B 107 -3.09 15.76 3.37
C LEU B 107 -3.58 16.21 2.00
N LEU B 108 -4.78 16.77 1.96
CA LEU B 108 -5.28 17.44 0.78
C LEU B 108 -5.25 18.94 1.04
N LYS B 109 -4.71 19.69 0.10
CA LYS B 109 -4.77 21.15 0.14
C LYS B 109 -5.86 21.61 -0.81
N LEU B 110 -6.85 22.32 -0.26
CA LEU B 110 -7.94 22.81 -1.09
C LEU B 110 -7.43 23.95 -1.98
N SER B 111 -7.96 24.01 -3.20
CA SER B 111 -7.51 25.01 -4.16
C SER B 111 -8.00 26.42 -3.85
N SER B 112 -8.83 26.57 -2.81
CA SER B 112 -9.22 27.85 -2.25
C SER B 112 -9.79 27.55 -0.88
N PRO B 113 -9.50 28.37 0.13
CA PRO B 113 -9.88 28.01 1.50
C PRO B 113 -11.38 27.79 1.65
N ALA B 114 -11.73 26.85 2.52
CA ALA B 114 -13.12 26.67 2.86
C ALA B 114 -13.60 27.86 3.68
N VAL B 115 -14.82 28.32 3.38
CA VAL B 115 -15.45 29.35 4.19
C VAL B 115 -15.86 28.73 5.52
N ILE B 116 -15.38 29.30 6.62
CA ILE B 116 -15.70 28.83 7.96
C ILE B 116 -17.06 29.40 8.35
N THR B 117 -18.03 28.51 8.54
CA THR B 117 -19.42 28.83 8.87
C THR B 117 -19.83 27.97 10.05
N ASP B 118 -21.09 28.08 10.46
CA ASP B 118 -21.56 27.23 11.55
C ASP B 118 -21.78 25.79 11.12
N LYS B 119 -21.64 25.50 9.82
CA LYS B 119 -21.73 24.13 9.31
C LYS B 119 -20.40 23.58 8.82
N VAL B 120 -19.36 24.41 8.72
CA VAL B 120 -18.03 23.99 8.26
C VAL B 120 -16.99 24.57 9.21
N ILE B 121 -16.46 23.73 10.10
CA ILE B 121 -15.54 24.18 11.14
C ILE B 121 -14.41 23.15 11.24
N PRO B 122 -13.16 23.57 11.41
CA PRO B 122 -12.09 22.58 11.57
C PRO B 122 -12.13 21.91 12.94
N ALA B 123 -11.54 20.72 13.00
CA ALA B 123 -11.30 20.05 14.27
C ALA B 123 -9.93 20.44 14.81
N CYS B 124 -9.70 20.16 16.08
CA CYS B 124 -8.39 20.48 16.63
C CYS B 124 -7.43 19.30 16.48
N LEU B 125 -6.14 19.62 16.56
CA LEU B 125 -5.11 18.60 16.47
C LEU B 125 -4.61 18.23 17.86
N PRO B 126 -4.21 16.99 18.07
CA PRO B 126 -3.69 16.60 19.38
C PRO B 126 -2.29 17.15 19.59
N SER B 127 -1.90 17.23 20.85
CA SER B 127 -0.52 17.45 21.17
C SER B 127 0.31 16.32 20.56
N PRO B 128 1.52 16.60 20.09
CA PRO B 128 2.31 15.55 19.44
C PRO B 128 2.69 14.43 20.42
N ASN B 129 2.67 13.20 19.90
CA ASN B 129 3.09 11.98 20.62
C ASN B 129 2.19 11.67 21.81
N TYR B 130 0.91 11.99 21.71
CA TYR B 130 -0.03 11.79 22.80
C TYR B 130 -0.75 10.46 22.65
N VAL B 131 -0.90 9.75 23.76
CA VAL B 131 -1.49 8.42 23.79
C VAL B 131 -2.89 8.54 24.39
N VAL B 132 -3.91 8.31 23.56
CA VAL B 132 -5.29 8.28 24.05
C VAL B 132 -5.46 7.10 25.00
N ALA B 133 -5.95 7.37 26.20
CA ALA B 133 -5.99 6.39 27.27
C ALA B 133 -6.89 5.21 26.92
N ASP B 134 -6.59 4.07 27.51
CA ASP B 134 -7.44 2.89 27.39
C ASP B 134 -8.84 3.20 27.88
N ARG B 135 -9.85 2.80 27.11
CA ARG B 135 -11.27 2.95 27.44
C ARG B 135 -11.72 4.41 27.44
N THR B 136 -11.12 5.23 26.57
CA THR B 136 -11.62 6.59 26.34
C THR B 136 -12.77 6.55 25.34
N GLU B 137 -13.87 7.22 25.68
CA GLU B 137 -15.02 7.29 24.80
C GLU B 137 -14.79 8.33 23.71
N CYS B 138 -14.79 7.90 22.46
CA CYS B 138 -14.57 8.75 21.30
C CYS B 138 -15.69 8.49 20.31
N PHE B 139 -15.71 9.28 19.24
CA PHE B 139 -16.74 9.16 18.22
C PHE B 139 -16.12 8.94 16.86
N ILE B 140 -16.82 8.19 16.01
CA ILE B 140 -16.48 8.08 14.60
C ILE B 140 -17.70 8.50 13.80
N THR B 141 -17.45 9.12 12.64
CA THR B 141 -18.52 9.51 11.73
C THR B 141 -18.13 9.13 10.30
N GLY B 142 -19.13 9.11 9.44
CA GLY B 142 -18.91 8.84 8.03
C GLY B 142 -20.19 8.39 7.34
N TRP B 143 -20.11 8.31 6.02
CA TRP B 143 -21.20 7.84 5.18
C TRP B 143 -21.00 6.40 4.70
N GLY B 144 -20.22 5.61 5.44
CA GLY B 144 -19.87 4.29 4.99
C GLY B 144 -21.01 3.28 5.09
N GLU B 145 -20.70 2.07 4.64
CA GLU B 145 -21.65 0.97 4.65
C GLU B 145 -22.17 0.71 6.06
N THR B 146 -23.47 0.38 6.16
CA THR B 146 -24.10 0.18 7.46
C THR B 146 -24.37 -1.27 7.81
N GLN B 147 -24.36 -2.17 6.82
CA GLN B 147 -24.67 -3.58 7.04
C GLN B 147 -26.04 -3.76 7.70
N GLY B 148 -27.05 -3.16 7.07
CA GLY B 148 -28.42 -3.30 7.49
C GLY B 148 -28.82 -2.49 8.70
N THR B 149 -27.90 -1.78 9.34
CA THR B 149 -28.20 -1.15 10.61
C THR B 149 -28.83 0.23 10.44
N PHE B 150 -29.49 0.47 9.31
CA PHE B 150 -30.29 1.68 9.09
C PHE B 150 -29.43 2.95 9.05
N GLY B 151 -29.96 4.00 8.43
CA GLY B 151 -29.24 5.25 8.31
C GLY B 151 -28.34 5.37 7.10
N ALA B 152 -28.38 4.40 6.18
CA ALA B 152 -27.60 4.51 4.95
C ALA B 152 -27.99 5.75 4.17
N GLY B 153 -26.99 6.46 3.64
CA GLY B 153 -27.23 7.68 2.91
C GLY B 153 -27.17 8.95 3.73
N LEU B 154 -27.14 8.85 5.06
CA LEU B 154 -27.01 9.99 5.95
C LEU B 154 -25.71 9.89 6.72
N LEU B 155 -25.26 11.00 7.28
CA LEU B 155 -24.06 11.00 8.10
C LEU B 155 -24.37 10.31 9.43
N LYS B 156 -23.64 9.24 9.73
CA LYS B 156 -23.86 8.46 10.93
C LYS B 156 -22.72 8.67 11.92
N GLU B 157 -22.97 8.29 13.17
CA GLU B 157 -21.99 8.43 14.23
C GLU B 157 -22.06 7.20 15.13
N ALA B 158 -20.99 6.99 15.89
CA ALA B 158 -20.93 5.91 16.85
C ALA B 158 -19.96 6.29 17.95
N GLN B 159 -20.33 6.01 19.20
CA GLN B 159 -19.45 6.25 20.34
C GLN B 159 -18.70 4.97 20.66
N LEU B 160 -17.36 5.02 20.54
CA LEU B 160 -16.53 3.83 20.67
C LEU B 160 -15.47 4.00 21.74
N PRO B 161 -15.13 2.94 22.46
CA PRO B 161 -14.01 3.00 23.40
C PRO B 161 -12.69 2.69 22.73
N VAL B 162 -11.64 3.33 23.23
CA VAL B 162 -10.28 3.07 22.74
C VAL B 162 -9.71 1.88 23.50
N ILE B 163 -9.11 0.95 22.76
CA ILE B 163 -8.50 -0.25 23.31
C ILE B 163 -6.99 -0.12 23.15
N GLU B 164 -6.26 -0.16 24.27
CA GLU B 164 -4.83 0.07 24.23
C GLU B 164 -4.13 -1.02 23.42
N ASN B 165 -3.06 -0.61 22.73
CA ASN B 165 -2.45 -1.45 21.69
C ASN B 165 -2.02 -2.81 22.23
N LYS B 166 -1.37 -2.82 23.39
CA LYS B 166 -0.88 -4.08 23.96
C LYS B 166 -2.01 -5.08 24.09
N VAL B 167 -3.18 -4.62 24.54
CA VAL B 167 -4.35 -5.49 24.62
C VAL B 167 -4.88 -5.81 23.23
N CYS B 168 -5.03 -4.77 22.40
CA CYS B 168 -5.62 -4.93 21.09
C CYS B 168 -4.84 -5.94 20.23
N ASN B 169 -3.54 -6.10 20.49
CA ASN B 169 -2.68 -6.98 19.70
C ASN B 169 -2.60 -8.40 20.24
N ARG B 170 -3.43 -8.76 21.23
CA ARG B 170 -3.46 -10.13 21.70
C ARG B 170 -3.95 -11.06 20.59
N TYR B 171 -3.55 -12.33 20.68
CA TYR B 171 -3.91 -13.32 19.68
C TYR B 171 -5.40 -13.32 19.39
N GLU B 172 -6.22 -13.36 20.45
CA GLU B 172 -7.67 -13.47 20.29
C GLU B 172 -8.31 -12.22 19.72
N PHE B 173 -7.55 -11.13 19.52
CA PHE B 173 -8.10 -9.90 18.95
C PHE B 173 -7.46 -9.71 17.59
N LEU B 174 -6.44 -8.87 17.45
CA LEU B 174 -5.85 -8.60 16.14
C LEU B 174 -4.50 -9.27 15.93
N ASN B 175 -3.98 -9.98 16.94
CA ASN B 175 -2.84 -10.89 16.79
C ASN B 175 -1.63 -10.20 16.15
N GLY B 176 -1.19 -9.11 16.76
CA GLY B 176 0.08 -8.49 16.44
C GLY B 176 0.09 -7.56 15.25
N ARG B 177 -1.04 -7.37 14.55
CA ARG B 177 -1.05 -6.56 13.34
C ARG B 177 -0.85 -5.07 13.63
N VAL B 178 -1.33 -4.57 14.75
CA VAL B 178 -1.46 -3.13 14.97
C VAL B 178 -0.10 -2.52 15.29
N GLN B 179 0.26 -1.48 14.56
CA GLN B 179 1.53 -0.78 14.80
C GLN B 179 1.35 0.33 15.82
N SER B 180 2.48 0.79 16.38
CA SER B 180 2.45 1.82 17.40
C SER B 180 1.96 3.15 16.87
N THR B 181 1.99 3.35 15.56
CA THR B 181 1.40 4.52 14.92
C THR B 181 -0.06 4.28 14.55
N GLU B 182 -0.69 3.28 15.18
CA GLU B 182 -2.11 3.02 15.03
C GLU B 182 -2.73 2.90 16.40
N LEU B 183 -4.06 3.03 16.46
CA LEU B 183 -4.80 2.72 17.67
C LEU B 183 -6.04 1.93 17.27
N CYS B 184 -6.61 1.23 18.26
CA CYS B 184 -7.82 0.45 18.06
C CYS B 184 -8.99 1.07 18.81
N ALA B 185 -10.18 0.90 18.26
CA ALA B 185 -11.39 1.37 18.92
C ALA B 185 -12.56 0.47 18.55
N GLY B 186 -13.50 0.33 19.49
CA GLY B 186 -14.67 -0.47 19.25
C GLY B 186 -15.09 -1.31 20.43
N HIS B 187 -16.21 -2.02 20.30
CA HIS B 187 -16.70 -2.91 21.34
C HIS B 187 -16.26 -4.33 21.01
N LEU B 188 -15.53 -4.96 21.93
CA LEU B 188 -15.04 -6.31 21.68
C LEU B 188 -16.17 -7.27 21.35
N ALA B 189 -17.38 -7.00 21.87
CA ALA B 189 -18.52 -7.85 21.61
C ALA B 189 -19.01 -7.77 20.17
N GLY B 190 -18.57 -6.74 19.44
CA GLY B 190 -19.00 -6.53 18.07
C GLY B 190 -20.23 -5.64 17.98
N GLY B 191 -20.67 -5.43 16.73
CA GLY B 191 -21.92 -4.75 16.44
C GLY B 191 -21.78 -3.30 15.99
N THR B 192 -20.66 -2.63 16.29
CA THR B 192 -20.51 -1.23 15.97
C THR B 192 -19.12 -0.98 15.42
N ASP B 193 -19.03 -0.27 14.29
CA ASP B 193 -17.74 -0.09 13.63
C ASP B 193 -17.86 0.90 12.48
N SER B 194 -16.71 1.45 12.09
CA SER B 194 -16.59 2.08 10.78
C SER B 194 -16.42 0.99 9.72
N CYS B 195 -16.91 1.29 8.52
CA CYS B 195 -16.91 0.29 7.46
C CYS B 195 -16.51 0.96 6.15
N GLN B 196 -16.68 0.25 5.03
CA GLN B 196 -16.19 0.76 3.76
C GLN B 196 -16.96 2.02 3.37
N GLY B 197 -16.21 3.04 2.95
CA GLY B 197 -16.76 4.36 2.75
C GLY B 197 -16.48 5.30 3.89
N ASP B 198 -15.93 4.81 4.99
CA ASP B 198 -15.57 5.66 6.12
C ASP B 198 -14.07 5.95 6.21
N SER B 199 -13.24 5.24 5.44
CA SER B 199 -11.80 5.50 5.45
C SER B 199 -11.51 6.98 5.27
N GLY B 200 -10.44 7.43 5.94
CA GLY B 200 -10.07 8.83 5.97
C GLY B 200 -10.85 9.67 6.93
N GLY B 201 -11.99 9.18 7.42
CA GLY B 201 -12.86 9.91 8.30
C GLY B 201 -12.28 10.07 9.69
N PRO B 202 -12.90 10.93 10.48
CA PRO B 202 -12.36 11.23 11.81
C PRO B 202 -12.72 10.19 12.86
N LEU B 203 -11.81 10.02 13.82
CA LEU B 203 -12.10 9.55 15.17
C LEU B 203 -11.71 10.67 16.11
N VAL B 204 -12.70 11.32 16.73
CA VAL B 204 -12.46 12.46 17.61
C VAL B 204 -12.79 12.07 19.04
N CYS B 205 -12.08 12.67 19.98
CA CYS B 205 -12.33 12.46 21.40
C CYS B 205 -12.50 13.82 22.08
N PHE B 206 -13.58 13.96 22.83
CA PHE B 206 -13.87 15.21 23.51
C PHE B 206 -12.94 15.40 24.70
N GLU B 207 -12.27 16.54 24.74
CA GLU B 207 -11.33 16.88 25.81
C GLU B 207 -11.62 18.27 26.33
N LYS B 208 -11.81 18.40 27.64
CA LYS B 208 -12.14 19.66 28.28
C LYS B 208 -13.41 20.27 27.70
N ASP B 209 -13.31 20.94 26.54
CA ASP B 209 -14.48 21.60 25.98
C ASP B 209 -14.54 21.52 24.46
N LYS B 210 -13.80 20.61 23.83
CA LYS B 210 -13.79 20.51 22.38
C LYS B 210 -13.36 19.11 21.97
N TYR B 211 -13.61 18.79 20.70
CA TYR B 211 -13.26 17.51 20.13
C TYR B 211 -11.87 17.58 19.52
N ILE B 212 -11.02 16.62 19.89
CA ILE B 212 -9.67 16.52 19.38
C ILE B 212 -9.62 15.37 18.38
N LEU B 213 -9.15 15.65 17.17
CA LEU B 213 -8.97 14.60 16.18
C LEU B 213 -7.82 13.70 16.60
N GLN B 214 -8.10 12.42 16.87
CA GLN B 214 -7.09 11.53 17.38
C GLN B 214 -6.83 10.30 16.50
N GLY B 215 -7.72 10.00 15.55
CA GLY B 215 -7.52 8.86 14.69
C GLY B 215 -8.08 9.14 13.30
N VAL B 216 -7.56 8.40 12.32
CA VAL B 216 -8.05 8.42 10.96
C VAL B 216 -8.50 7.00 10.60
N THR B 217 -9.74 6.87 10.13
CA THR B 217 -10.29 5.56 9.81
C THR B 217 -9.49 4.88 8.72
N SER B 218 -9.01 3.67 8.99
CA SER B 218 -8.03 3.00 8.15
C SER B 218 -8.44 1.59 7.73
N TRP B 219 -8.47 0.65 8.67
CA TRP B 219 -8.73 -0.73 8.28
C TRP B 219 -9.23 -1.52 9.48
N GLY B 220 -9.76 -2.71 9.19
CA GLY B 220 -10.20 -3.70 10.16
C GLY B 220 -10.26 -5.06 9.51
N LEU B 221 -10.53 -6.08 10.34
CA LEU B 221 -10.83 -7.43 9.87
C LEU B 221 -12.35 -7.54 9.78
N GLY B 222 -12.89 -7.13 8.64
CA GLY B 222 -14.32 -6.97 8.55
C GLY B 222 -14.77 -5.74 9.33
N CYS B 223 -16.08 -5.65 9.54
CA CYS B 223 -16.68 -4.54 10.26
C CYS B 223 -17.60 -5.10 11.34
N ALA B 224 -17.42 -4.64 12.58
CA ALA B 224 -18.34 -4.92 13.70
C ALA B 224 -18.37 -6.40 14.07
N ARG B 225 -17.32 -7.08 13.85
CA ARG B 225 -17.24 -8.46 14.30
C ARG B 225 -16.66 -8.53 15.71
N PRO B 226 -17.12 -9.48 16.52
CA PRO B 226 -16.59 -9.58 17.88
C PRO B 226 -15.09 -9.85 17.89
N ASN B 227 -14.43 -9.34 18.94
CA ASN B 227 -12.99 -9.48 19.14
C ASN B 227 -12.16 -8.91 18.00
N LYS B 228 -12.76 -8.07 17.15
CA LYS B 228 -12.12 -7.54 15.95
C LYS B 228 -12.36 -6.04 15.85
N PRO B 229 -11.62 -5.24 16.61
CA PRO B 229 -11.83 -3.79 16.58
C PRO B 229 -11.31 -3.16 15.30
N GLY B 230 -11.85 -1.97 15.00
CA GLY B 230 -11.33 -1.18 13.91
C GLY B 230 -10.02 -0.52 14.28
N VAL B 231 -9.16 -0.35 13.28
CA VAL B 231 -7.83 0.22 13.47
C VAL B 231 -7.79 1.60 12.85
N TYR B 232 -7.18 2.55 13.55
CA TYR B 232 -7.13 3.93 13.13
C TYR B 232 -5.70 4.43 13.21
N VAL B 233 -5.30 5.24 12.24
CA VAL B 233 -3.99 5.86 12.29
C VAL B 233 -3.97 6.83 13.47
N ARG B 234 -2.98 6.68 14.34
CA ARG B 234 -2.83 7.54 15.51
C ARG B 234 -2.32 8.91 15.06
N VAL B 235 -3.22 9.91 15.07
CA VAL B 235 -2.90 11.21 14.49
C VAL B 235 -1.79 11.92 15.26
N SER B 236 -1.73 11.73 16.57
CA SER B 236 -0.74 12.46 17.37
C SER B 236 0.69 12.13 16.97
N ARG B 237 0.92 11.02 16.28
CA ARG B 237 2.28 10.64 15.87
C ARG B 237 2.74 11.35 14.61
N PHE B 238 1.84 12.06 13.93
CA PHE B 238 2.17 12.75 12.70
C PHE B 238 1.91 14.25 12.78
N VAL B 239 1.68 14.78 13.99
CA VAL B 239 1.32 16.19 14.13
C VAL B 239 2.48 17.08 13.68
N THR B 240 3.70 16.76 14.10
CA THR B 240 4.87 17.49 13.63
C THR B 240 4.94 17.49 12.11
N TRP B 241 4.74 16.32 11.48
CA TRP B 241 4.76 16.24 10.03
C TRP B 241 3.67 17.11 9.40
N ILE B 242 2.43 16.98 9.90
CA ILE B 242 1.30 17.72 9.33
C ILE B 242 1.55 19.22 9.41
N GLU B 243 2.02 19.70 10.57
CA GLU B 243 2.18 21.13 10.76
C GLU B 243 3.26 21.69 9.84
N GLY B 244 4.37 20.96 9.67
CA GLY B 244 5.39 21.39 8.74
C GLY B 244 4.88 21.45 7.31
N VAL B 245 4.01 20.52 6.92
CA VAL B 245 3.44 20.57 5.58
C VAL B 245 2.50 21.77 5.46
N MET B 246 1.70 22.03 6.50
CA MET B 246 0.78 23.16 6.44
C MET B 246 1.53 24.48 6.36
N ARG B 247 2.59 24.62 7.15
CA ARG B 247 3.32 25.88 7.24
C ARG B 247 4.21 26.14 6.04
N ASN B 248 4.43 25.16 5.18
CA ASN B 248 5.31 25.32 4.02
C ASN B 248 4.56 25.24 2.70
N ASN B 249 3.24 25.12 2.72
CA ASN B 249 2.44 25.19 1.51
C ASN B 249 1.11 25.89 1.79
N GLY C 1 5.60 10.71 -6.73
CA GLY C 1 6.18 10.30 -7.99
C GLY C 1 6.48 8.82 -8.00
N ARG C 2 6.34 8.19 -6.84
CA ARG C 2 6.69 6.80 -6.66
C ARG C 2 5.68 5.89 -7.37
N ALA C 3 6.16 5.09 -8.30
CA ALA C 3 5.32 4.24 -9.14
C ALA C 3 5.77 2.78 -9.02
N TYR C 4 4.88 1.91 -8.55
CA TYR C 4 5.14 0.49 -8.45
C TYR C 4 4.94 -0.16 -9.82
N LYS C 5 5.83 -1.09 -10.17
CA LYS C 5 6.01 -1.54 -11.54
C LYS C 5 5.23 -2.82 -11.85
N SER C 6 4.01 -2.92 -11.33
CA SER C 6 3.11 -3.98 -11.73
C SER C 6 2.34 -3.53 -12.98
N LYS C 7 1.55 -4.44 -13.54
CA LYS C 7 0.63 -4.11 -14.62
C LYS C 7 -0.80 -4.30 -14.16
N PRO C 8 -1.63 -3.25 -14.09
CA PRO C 8 -1.21 -1.86 -14.30
C PRO C 8 -0.47 -1.33 -13.07
N PRO C 9 0.30 -0.26 -13.25
CA PRO C 9 1.10 0.25 -12.12
C PRO C 9 0.22 0.95 -11.10
N ILE C 10 0.86 1.28 -9.98
CA ILE C 10 0.27 2.08 -8.92
C ILE C 10 1.21 3.25 -8.67
N ALA C 11 0.72 4.46 -8.83
CA ALA C 11 1.54 5.66 -8.67
C ALA C 11 1.01 6.49 -7.53
N PHE C 12 1.93 7.21 -6.88
CA PHE C 12 1.61 8.07 -5.76
C PHE C 12 2.08 9.49 -6.06
N PRO C 13 1.52 10.49 -5.37
CA PRO C 13 1.90 11.88 -5.68
C PRO C 13 3.36 12.20 -5.43
N ASP C 14 4.09 11.40 -4.67
CA ASP C 14 5.52 11.65 -4.48
C ASP C 14 6.29 11.29 -5.75
N GLY D 1 -6.02 -10.63 6.17
CA GLY D 1 -7.33 -10.21 6.65
C GLY D 1 -7.59 -8.72 6.63
N ARG D 2 -6.51 -7.93 6.59
CA ARG D 2 -6.62 -6.48 6.52
C ARG D 2 -7.47 -6.05 5.33
N ALA D 3 -8.60 -5.41 5.64
CA ALA D 3 -9.48 -4.82 4.63
C ALA D 3 -9.57 -3.32 4.90
N TYR D 4 -8.96 -2.51 4.03
CA TYR D 4 -9.01 -1.06 4.17
C TYR D 4 -10.39 -0.55 3.77
N LYS D 5 -10.91 0.37 4.56
CA LYS D 5 -12.34 0.68 4.55
C LYS D 5 -12.69 1.81 3.58
N SER D 6 -12.16 1.73 2.37
CA SER D 6 -12.51 2.65 1.30
C SER D 6 -13.61 2.05 0.43
N LYS D 7 -14.00 2.77 -0.60
CA LYS D 7 -14.96 2.29 -1.59
C LYS D 7 -14.35 2.41 -2.97
N PRO D 8 -14.02 1.31 -3.65
CA PRO D 8 -14.11 -0.05 -3.10
C PRO D 8 -12.98 -0.31 -2.11
N PRO D 9 -13.16 -1.28 -1.22
CA PRO D 9 -12.14 -1.57 -0.22
C PRO D 9 -10.98 -2.36 -0.82
N ILE D 10 -9.91 -2.46 -0.04
CA ILE D 10 -8.73 -3.20 -0.45
C ILE D 10 -8.44 -4.23 0.64
N ALA D 11 -8.51 -5.51 0.29
CA ALA D 11 -8.32 -6.58 1.25
C ALA D 11 -7.03 -7.34 0.96
N PHE D 12 -6.31 -7.68 2.01
CA PHE D 12 -5.06 -8.41 1.93
C PHE D 12 -5.22 -9.82 2.47
N PRO D 13 -4.33 -10.74 2.11
CA PRO D 13 -4.47 -12.12 2.60
C PRO D 13 -4.50 -12.25 4.11
N ASP D 14 -3.81 -11.37 4.85
CA ASP D 14 -3.74 -11.50 6.31
C ASP D 14 -5.06 -11.09 6.97
N WMH E . 3.23 5.48 -11.57
C WMH E . 4.47 5.85 -10.90
C1 WMH E . 1.97 5.74 -11.17
C2 WMH E . 1.18 5.19 -12.12
N1 WMH E . 1.98 4.62 -13.07
N2 WMH E . 3.24 4.80 -12.73
N WMH F . -11.44 -6.55 2.52
C WMH F . -10.94 -6.74 3.88
C1 WMH F . -10.83 -6.91 1.36
C2 WMH F . -11.70 -6.55 0.40
N1 WMH F . -12.80 -6.00 0.97
N2 WMH F . -12.63 -6.00 2.28
#